data_2WDE
#
_entry.id   2WDE
#
_cell.length_a   70.801
_cell.length_b   86.738
_cell.length_c   95.383
_cell.angle_alpha   90.00
_cell.angle_beta   90.00
_cell.angle_gamma   90.00
#
_symmetry.space_group_name_H-M   'P 21 21 21'
#
loop_
_entity.id
_entity.type
_entity.pdbx_description
1 polymer 'SULFUR OXIDATION PROTEIN SOXB'
2 non-polymer 'TERTIARY-BUTYL ALCOHOL'
3 non-polymer 'MANGANESE (II) ION'
4 non-polymer THIOSULFATE
5 water water
#
_entity_poly.entity_id   1
_entity_poly.type   'polypeptide(L)'
_entity_poly.pdbx_seq_one_letter_code
;MASWSHPQFEKGALEDPRSLYDLPPYGDATLLYFSDLHGQAFPHYFMEPPNLIAPKPLMGRPGYLTGEAILRYYGVERGT
PLAYLLSYVDFVELARTFGPIGGMGALTALIRDQKARVEAEGGKALVLDGGDTWTNSGLSLLTRGEAVVRWQNLVGVDHM
VSHWEWTLGRERVEELLGLFRGEFLSYNIVDDLFGDPLFPAYRIHRVGPYALAVVGASYPYVKVSHPESFTEGLSFALDE
RRLQEAVDKARAEGANAVVLLSHNGMQLDAALAERIRGIDLILSGHTHDLTPRPWRVGKTWIVAGSAAGKALMRVDLKLW
KGGIANLRVRVLPVLAEHLPKAEDVEAFLKAQLAPHQDHLFTPLAVSETLLYKRDTLYSTWDQLVGEAVKAIYPEVEVVF
SPAVRWGTTILPGQAITWDHLYAYTGFTYPELYLFYLRGAQIKAVLEDIASNVFTSDPFYQQGGDVSRVFGLRYVLDPDA
PTGERVREVEVGGRPLDPNRRYLAAAYGGRLQRVGEAKPGYEPRPIYEVLAEYLRSVGRVRVRPEPNVKVIGRNYRLPEV
TG
;
_entity_poly.pdbx_strand_id   A
#
# COMPACT_ATOMS: atom_id res chain seq x y z
N ARG A 18 2.78 7.46 27.68
CA ARG A 18 2.53 7.02 29.05
C ARG A 18 2.08 5.55 29.07
N SER A 19 1.68 5.07 27.91
CA SER A 19 1.19 3.69 27.74
C SER A 19 0.54 3.55 26.38
N LEU A 20 1.35 3.27 25.36
CA LEU A 20 0.85 3.09 24.01
C LEU A 20 -0.02 1.84 23.92
N TYR A 21 0.42 0.77 24.58
CA TYR A 21 -0.25 -0.53 24.52
C TYR A 21 -1.15 -0.93 25.68
N ASP A 22 -0.94 -0.33 26.84
CA ASP A 22 -1.72 -0.68 28.04
C ASP A 22 -3.08 0.03 28.02
N LEU A 23 -4.06 -0.60 27.37
CA LEU A 23 -5.39 0.00 27.25
C LEU A 23 -6.44 -0.69 28.12
N PRO A 24 -7.30 0.10 28.77
CA PRO A 24 -8.40 -0.41 29.58
C PRO A 24 -9.43 -1.06 28.66
N PRO A 25 -10.31 -1.92 29.22
CA PRO A 25 -11.29 -2.56 28.34
C PRO A 25 -12.31 -1.59 27.77
N TYR A 26 -12.90 -1.96 26.63
CA TYR A 26 -13.93 -1.16 25.99
C TYR A 26 -14.80 -2.00 25.03
N GLY A 27 -16.10 -1.98 25.24
CA GLY A 27 -17.02 -2.67 24.34
C GLY A 27 -17.13 -4.19 24.37
N ASP A 28 -17.84 -4.70 23.37
CA ASP A 28 -18.18 -6.11 23.25
C ASP A 28 -17.25 -6.93 22.37
N ALA A 29 -16.66 -6.26 21.38
CA ALA A 29 -15.77 -6.94 20.43
C ALA A 29 -14.58 -6.04 20.10
N THR A 30 -13.47 -6.66 19.76
CA THR A 30 -12.26 -5.92 19.41
C THR A 30 -11.76 -6.45 18.08
N LEU A 31 -11.52 -5.55 17.14
CA LEU A 31 -10.94 -5.94 15.85
C LEU A 31 -9.48 -5.50 15.87
N LEU A 32 -8.58 -6.44 15.61
CA LEU A 32 -7.13 -6.17 15.53
C LEU A 32 -6.81 -6.23 14.04
N TYR A 33 -6.57 -5.06 13.46
CA TYR A 33 -6.49 -4.93 12.03
C TYR A 33 -5.20 -4.36 11.46
N PHE A 34 -4.70 -5.01 10.42
CA PHE A 34 -3.53 -4.51 9.72
C PHE A 34 -3.77 -4.76 8.24
N SER A 35 -3.07 -4.03 7.39
CA SER A 35 -3.27 -4.25 5.96
C SER A 35 -2.02 -3.86 5.22
N ASP A 36 -1.90 -4.34 3.99
CA ASP A 36 -0.79 -3.97 3.13
C ASP A 36 0.61 -4.21 3.73
N LEU A 37 0.77 -5.36 4.36
CA LEU A 37 2.05 -5.74 4.94
C LEU A 37 3.09 -5.89 3.82
N HIS A 38 2.64 -6.31 2.64
CA HIS A 38 3.55 -6.51 1.51
C HIS A 38 4.78 -7.34 1.87
N GLY A 39 4.52 -8.47 2.50
CA GLY A 39 5.52 -9.46 2.90
C GLY A 39 6.70 -8.98 3.72
N GLN A 40 6.59 -7.79 4.32
CA GLN A 40 7.70 -7.26 5.07
C GLN A 40 7.98 -8.03 6.36
N ALA A 41 8.91 -8.97 6.26
CA ALA A 41 9.25 -9.88 7.34
C ALA A 41 10.05 -9.27 8.47
N PHE A 42 10.82 -8.24 8.17
CA PHE A 42 11.72 -7.64 9.13
C PHE A 42 11.43 -6.20 9.51
N PRO A 43 11.87 -5.81 10.70
CA PRO A 43 11.77 -4.41 11.11
C PRO A 43 12.49 -3.59 10.05
N HIS A 44 11.86 -2.48 9.68
CA HIS A 44 12.40 -1.61 8.64
C HIS A 44 11.84 -0.21 8.86
N TYR A 45 12.06 0.67 7.91
CA TYR A 45 11.59 2.06 8.02
C TYR A 45 10.63 2.38 6.91
N PHE A 46 9.58 3.12 7.23
CA PHE A 46 8.56 3.43 6.23
C PHE A 46 7.99 4.81 6.50
N MET A 47 8.50 5.80 5.75
CA MET A 47 8.04 7.18 5.88
C MET A 47 6.79 7.44 5.04
N GLU A 48 5.84 8.17 5.62
CA GLU A 48 4.64 8.59 4.90
C GLU A 48 5.04 9.59 3.81
N PRO A 49 4.23 9.70 2.75
CA PRO A 49 4.56 10.61 1.64
C PRO A 49 4.63 12.08 2.06
N PRO A 50 5.54 12.84 1.45
CA PRO A 50 5.63 14.27 1.74
C PRO A 50 4.46 15.02 1.08
N ASN A 51 3.86 14.42 0.05
CA ASN A 51 2.74 15.04 -0.64
C ASN A 51 1.70 14.02 -1.05
N LEU A 52 0.43 14.40 -0.90
CA LEU A 52 -0.71 13.61 -1.36
C LEU A 52 -1.59 14.68 -2.00
N ILE A 53 -1.22 15.04 -3.22
CA ILE A 53 -1.89 16.12 -3.93
C ILE A 53 -3.30 15.78 -4.37
N ALA A 54 -4.23 16.69 -4.09
CA ALA A 54 -5.62 16.47 -4.46
C ALA A 54 -6.19 17.66 -5.22
N PRO A 55 -7.18 17.42 -6.10
CA PRO A 55 -7.87 18.50 -6.79
C PRO A 55 -8.60 19.29 -5.70
N LYS A 56 -8.88 20.57 -5.96
CA LYS A 56 -9.46 21.44 -4.95
C LYS A 56 -10.58 20.85 -4.10
N PRO A 57 -11.53 20.13 -4.73
CA PRO A 57 -12.66 19.54 -3.99
C PRO A 57 -12.31 18.49 -2.93
N LEU A 58 -11.18 17.81 -3.10
CA LEU A 58 -10.81 16.75 -2.17
C LEU A 58 -9.79 17.12 -1.10
N MET A 59 -9.23 18.31 -1.19
CA MET A 59 -8.23 18.76 -0.23
C MET A 59 -8.72 18.81 1.23
N GLY A 60 -7.82 18.48 2.14
CA GLY A 60 -8.09 18.53 3.57
C GLY A 60 -8.83 17.36 4.17
N ARG A 61 -9.04 16.31 3.39
CA ARG A 61 -9.75 15.14 3.92
C ARG A 61 -8.81 13.95 4.09
N PRO A 62 -9.15 13.02 4.99
CA PRO A 62 -8.32 11.83 5.22
C PRO A 62 -7.98 11.16 3.89
N GLY A 63 -6.72 10.80 3.71
CA GLY A 63 -6.25 10.21 2.47
C GLY A 63 -5.52 11.24 1.64
N TYR A 64 -5.65 12.51 2.03
CA TYR A 64 -4.98 13.60 1.33
C TYR A 64 -4.23 14.51 2.31
N LEU A 65 -4.07 14.05 3.54
CA LEU A 65 -3.35 14.81 4.56
C LEU A 65 -1.93 14.28 4.73
N THR A 66 -0.97 15.19 4.85
CA THR A 66 0.43 14.82 5.03
C THR A 66 1.08 15.88 5.91
N GLY A 67 2.36 15.69 6.22
CA GLY A 67 3.16 16.68 6.93
C GLY A 67 2.55 17.23 8.20
N GLU A 68 2.63 18.55 8.40
CA GLU A 68 2.12 19.16 9.61
C GLU A 68 0.60 19.07 9.65
N ALA A 69 -0.02 19.19 8.49
CA ALA A 69 -1.47 19.16 8.36
C ALA A 69 -2.10 17.91 8.96
N ILE A 70 -1.49 16.75 8.70
CA ILE A 70 -2.02 15.51 9.26
C ILE A 70 -1.90 15.50 10.78
N LEU A 71 -0.81 16.03 11.32
CA LEU A 71 -0.64 16.04 12.77
C LEU A 71 -1.75 16.88 13.42
N ARG A 72 -1.98 18.07 12.86
CA ARG A 72 -3.00 18.98 13.37
C ARG A 72 -4.40 18.40 13.27
N TYR A 73 -4.72 17.84 12.11
CA TYR A 73 -6.05 17.27 11.87
C TYR A 73 -6.42 16.28 12.95
N TYR A 74 -5.45 15.46 13.36
CA TYR A 74 -5.69 14.42 14.37
C TYR A 74 -5.30 14.81 15.80
N GLY A 75 -4.77 16.01 15.98
CA GLY A 75 -4.38 16.46 17.32
C GLY A 75 -3.22 15.66 17.86
N VAL A 76 -2.31 15.28 16.98
CA VAL A 76 -1.15 14.48 17.36
C VAL A 76 0.01 15.41 17.65
N GLU A 77 0.59 15.28 18.82
CA GLU A 77 1.71 16.16 19.15
C GLU A 77 2.95 15.77 18.38
N ARG A 78 3.69 16.79 17.95
CA ARG A 78 4.93 16.57 17.22
C ARG A 78 5.94 15.81 18.11
N GLY A 79 6.70 14.90 17.52
CA GLY A 79 7.76 14.17 18.21
C GLY A 79 7.36 12.92 18.97
N THR A 80 6.08 12.58 18.89
CA THR A 80 5.55 11.39 19.57
C THR A 80 5.73 10.18 18.67
N PRO A 81 5.54 8.98 19.22
CA PRO A 81 5.65 7.77 18.41
C PRO A 81 4.56 7.77 17.33
N LEU A 82 3.39 8.30 17.66
CA LEU A 82 2.33 8.39 16.67
C LEU A 82 2.73 9.36 15.54
N ALA A 83 3.32 10.50 15.90
CA ALA A 83 3.77 11.45 14.88
C ALA A 83 4.82 10.80 13.97
N TYR A 84 5.69 10.00 14.56
CA TYR A 84 6.74 9.29 13.80
C TYR A 84 6.10 8.40 12.71
N LEU A 85 5.03 7.71 13.07
CA LEU A 85 4.34 6.84 12.11
C LEU A 85 3.54 7.65 11.09
N LEU A 86 2.90 8.70 11.60
CA LEU A 86 1.90 9.47 10.86
C LEU A 86 2.33 10.44 9.78
N SER A 87 3.53 11.00 9.93
CA SER A 87 3.97 12.08 9.04
C SER A 87 5.46 12.01 8.68
N TYR A 88 5.83 12.65 7.57
CA TYR A 88 7.22 12.71 7.15
C TYR A 88 7.98 13.76 8.00
N VAL A 89 7.23 14.62 8.69
CA VAL A 89 7.85 15.65 9.52
C VAL A 89 8.83 15.02 10.53
N ASP A 90 10.03 15.56 10.63
CA ASP A 90 11.04 15.04 11.57
C ASP A 90 11.39 13.56 11.37
N PHE A 91 11.13 13.01 10.18
CA PHE A 91 11.33 11.57 10.01
C PHE A 91 12.65 10.93 10.45
N VAL A 92 13.76 11.36 9.86
CA VAL A 92 15.06 10.79 10.17
C VAL A 92 15.34 10.85 11.67
N GLU A 93 15.08 12.00 12.26
CA GLU A 93 15.29 12.22 13.68
C GLU A 93 14.47 11.24 14.52
N LEU A 94 13.19 11.09 14.18
CA LEU A 94 12.34 10.17 14.94
C LEU A 94 12.65 8.71 14.69
N ALA A 95 13.13 8.39 13.49
CA ALA A 95 13.48 6.98 13.19
C ALA A 95 14.70 6.58 14.05
N ARG A 96 15.60 7.52 14.28
CA ARG A 96 16.76 7.24 15.14
C ARG A 96 16.28 7.13 16.60
N THR A 97 15.27 7.91 16.95
CA THR A 97 14.74 7.95 18.32
C THR A 97 13.98 6.68 18.71
N PHE A 98 12.95 6.34 17.94
CA PHE A 98 12.08 5.20 18.26
C PHE A 98 12.48 3.87 17.65
N GLY A 99 13.30 3.89 16.61
CA GLY A 99 13.71 2.65 15.99
C GLY A 99 12.82 2.28 14.83
N PRO A 100 13.10 1.13 14.21
CA PRO A 100 12.36 0.68 13.03
C PRO A 100 10.96 0.21 13.39
N ILE A 101 10.10 0.16 12.39
CA ILE A 101 8.73 -0.28 12.60
C ILE A 101 8.57 -1.68 12.01
N GLY A 102 7.43 -2.29 12.29
CA GLY A 102 7.06 -3.58 11.74
C GLY A 102 8.00 -4.74 12.05
N GLY A 103 8.02 -5.70 11.14
CA GLY A 103 8.73 -6.95 11.30
C GLY A 103 7.64 -7.91 11.72
N MET A 104 7.63 -9.11 11.14
CA MET A 104 6.58 -10.08 11.47
C MET A 104 6.67 -10.51 12.93
N GLY A 105 7.87 -10.47 13.48
CA GLY A 105 8.05 -10.84 14.88
C GLY A 105 7.32 -9.89 15.82
N ALA A 106 7.63 -8.60 15.68
CA ALA A 106 7.02 -7.56 16.51
C ALA A 106 5.51 -7.46 16.29
N LEU A 107 5.08 -7.53 15.04
CA LEU A 107 3.65 -7.46 14.75
C LEU A 107 2.90 -8.60 15.45
N THR A 108 3.45 -9.81 15.38
CA THR A 108 2.82 -10.96 16.03
C THR A 108 2.77 -10.77 17.56
N ALA A 109 3.88 -10.32 18.16
CA ALA A 109 3.93 -10.11 19.59
C ALA A 109 2.84 -9.12 20.04
N LEU A 110 2.68 -8.04 19.27
CA LEU A 110 1.66 -7.04 19.56
C LEU A 110 0.24 -7.59 19.41
N ILE A 111 -0.03 -8.29 18.31
CA ILE A 111 -1.36 -8.87 18.11
C ILE A 111 -1.72 -9.82 19.25
N ARG A 112 -0.75 -10.62 19.67
CA ARG A 112 -1.00 -11.59 20.74
C ARG A 112 -1.21 -10.90 22.08
N ASP A 113 -0.42 -9.88 22.35
CA ASP A 113 -0.53 -9.11 23.59
C ASP A 113 -1.94 -8.56 23.67
N GLN A 114 -2.40 -7.98 22.57
CA GLN A 114 -3.72 -7.37 22.54
C GLN A 114 -4.88 -8.36 22.63
N LYS A 115 -4.78 -9.45 21.88
CA LYS A 115 -5.81 -10.48 21.89
C LYS A 115 -5.93 -11.10 23.30
N ALA A 116 -4.80 -11.30 23.96
CA ALA A 116 -4.80 -11.88 25.30
C ALA A 116 -5.44 -10.95 26.34
N ARG A 117 -5.32 -9.65 26.12
CA ARG A 117 -5.91 -8.67 27.04
C ARG A 117 -7.42 -8.71 26.89
N VAL A 118 -7.88 -8.69 25.64
CA VAL A 118 -9.29 -8.69 25.33
C VAL A 118 -10.04 -9.93 25.82
N GLU A 119 -9.41 -11.08 25.67
CA GLU A 119 -10.02 -12.34 26.07
C GLU A 119 -10.07 -12.46 27.59
N ALA A 120 -9.09 -11.87 28.26
CA ALA A 120 -9.06 -11.86 29.73
C ALA A 120 -10.20 -10.98 30.25
N GLU A 121 -10.67 -10.06 29.39
CA GLU A 121 -11.78 -9.17 29.75
C GLU A 121 -13.10 -9.86 29.39
N GLY A 122 -13.00 -11.04 28.78
CA GLY A 122 -14.15 -11.79 28.35
C GLY A 122 -14.71 -11.24 27.04
N GLY A 123 -13.88 -10.47 26.34
CA GLY A 123 -14.28 -9.90 25.06
C GLY A 123 -13.93 -10.79 23.90
N LYS A 124 -14.56 -10.53 22.75
CA LYS A 124 -14.33 -11.31 21.55
C LYS A 124 -13.36 -10.57 20.62
N ALA A 125 -12.24 -11.20 20.27
CA ALA A 125 -11.25 -10.58 19.40
C ALA A 125 -11.11 -11.25 18.04
N LEU A 126 -11.07 -10.44 16.98
CA LEU A 126 -10.88 -10.94 15.62
C LEU A 126 -9.62 -10.29 15.05
N VAL A 127 -8.80 -11.09 14.36
CA VAL A 127 -7.58 -10.62 13.74
C VAL A 127 -7.87 -10.54 12.24
N LEU A 128 -7.87 -9.31 11.72
CA LEU A 128 -8.28 -9.06 10.34
C LEU A 128 -7.17 -8.50 9.47
N ASP A 129 -6.99 -9.10 8.30
CA ASP A 129 -5.95 -8.71 7.36
C ASP A 129 -6.55 -8.10 6.08
N GLY A 130 -6.16 -6.87 5.79
CA GLY A 130 -6.70 -6.16 4.65
C GLY A 130 -6.16 -6.50 3.27
N GLY A 131 -5.21 -7.42 3.17
CA GLY A 131 -4.69 -7.82 1.86
C GLY A 131 -3.39 -7.12 1.46
N ASP A 132 -2.87 -7.49 0.28
CA ASP A 132 -1.56 -7.01 -0.17
C ASP A 132 -0.59 -7.48 0.89
N THR A 133 -0.77 -8.74 1.26
CA THR A 133 0.02 -9.37 2.30
C THR A 133 1.11 -10.32 1.80
N TRP A 134 0.73 -11.21 0.89
CA TRP A 134 1.59 -12.32 0.46
C TRP A 134 2.79 -11.99 -0.41
N THR A 135 2.75 -10.82 -1.03
CA THR A 135 3.73 -10.45 -2.04
C THR A 135 4.71 -9.32 -1.71
N ASN A 136 5.63 -9.10 -2.66
CA ASN A 136 6.56 -7.97 -2.62
C ASN A 136 7.61 -7.90 -1.51
N SER A 137 8.33 -8.99 -1.32
CA SER A 137 9.38 -9.05 -0.31
C SER A 137 10.33 -10.20 -0.63
N GLY A 138 11.50 -10.19 -0.02
CA GLY A 138 12.46 -11.26 -0.22
C GLY A 138 11.84 -12.59 0.18
N LEU A 139 11.36 -12.65 1.42
CA LEU A 139 10.69 -13.84 1.93
C LEU A 139 9.60 -14.34 0.98
N SER A 140 8.76 -13.43 0.49
CA SER A 140 7.71 -13.81 -0.44
C SER A 140 8.25 -14.38 -1.75
N LEU A 141 9.14 -13.64 -2.39
CA LEU A 141 9.67 -14.08 -3.66
C LEU A 141 10.36 -15.44 -3.57
N LEU A 142 11.10 -15.67 -2.48
CA LEU A 142 11.84 -16.92 -2.30
C LEU A 142 10.94 -18.14 -2.05
N THR A 143 9.68 -17.91 -1.69
CA THR A 143 8.77 -19.01 -1.38
C THR A 143 7.50 -18.91 -2.18
N ARG A 144 7.49 -18.03 -3.16
CA ARG A 144 6.27 -17.79 -3.94
C ARG A 144 5.07 -17.54 -3.01
N GLY A 145 5.32 -16.76 -1.96
CA GLY A 145 4.28 -16.37 -1.01
C GLY A 145 3.98 -17.33 0.13
N GLU A 146 4.41 -18.59 0.00
CA GLU A 146 4.11 -19.59 1.02
C GLU A 146 4.50 -19.24 2.46
N ALA A 147 5.70 -18.72 2.64
CA ALA A 147 6.17 -18.37 3.97
C ALA A 147 5.30 -17.29 4.61
N VAL A 148 4.74 -16.40 3.80
CA VAL A 148 3.89 -15.35 4.35
C VAL A 148 2.60 -15.98 4.86
N VAL A 149 2.07 -16.95 4.11
CA VAL A 149 0.85 -17.64 4.50
C VAL A 149 1.08 -18.38 5.82
N ARG A 150 2.23 -19.01 5.95
CA ARG A 150 2.59 -19.75 7.15
C ARG A 150 2.67 -18.83 8.36
N TRP A 151 3.24 -17.64 8.18
CA TRP A 151 3.33 -16.71 9.29
C TRP A 151 1.91 -16.30 9.70
N GLN A 152 1.04 -16.06 8.72
CA GLN A 152 -0.34 -15.71 9.00
C GLN A 152 -0.95 -16.79 9.90
N ASN A 153 -0.59 -18.04 9.61
CA ASN A 153 -1.11 -19.18 10.35
C ASN A 153 -0.55 -19.22 11.77
N LEU A 154 0.68 -18.72 11.94
CA LEU A 154 1.30 -18.67 13.25
C LEU A 154 0.61 -17.61 14.13
N VAL A 155 0.38 -16.43 13.57
CA VAL A 155 -0.29 -15.40 14.35
C VAL A 155 -1.77 -15.73 14.58
N GLY A 156 -2.44 -16.27 13.56
CA GLY A 156 -3.83 -16.63 13.64
C GLY A 156 -4.78 -15.61 13.05
N VAL A 157 -4.65 -15.40 11.74
CA VAL A 157 -5.50 -14.44 11.04
C VAL A 157 -6.86 -15.06 10.80
N ASP A 158 -7.91 -14.36 11.20
CA ASP A 158 -9.27 -14.84 11.03
C ASP A 158 -9.81 -14.68 9.62
N HIS A 159 -9.52 -13.53 9.00
CA HIS A 159 -9.99 -13.23 7.67
C HIS A 159 -8.94 -12.37 6.97
N MET A 160 -8.99 -12.39 5.64
CA MET A 160 -8.17 -11.52 4.80
C MET A 160 -8.94 -11.31 3.50
N VAL A 161 -8.64 -10.22 2.82
CA VAL A 161 -9.16 -9.95 1.50
C VAL A 161 -7.89 -9.87 0.61
N SER A 162 -8.04 -9.47 -0.65
CA SER A 162 -6.88 -9.51 -1.54
C SER A 162 -6.76 -8.42 -2.59
N HIS A 163 -5.56 -8.36 -3.16
CA HIS A 163 -5.24 -7.51 -4.29
C HIS A 163 -4.00 -8.07 -4.96
N TRP A 164 -2.83 -7.69 -4.47
CA TRP A 164 -1.55 -8.14 -5.04
C TRP A 164 -1.31 -9.64 -4.93
N GLU A 165 -2.08 -10.30 -4.08
CA GLU A 165 -2.02 -11.76 -3.94
C GLU A 165 -2.13 -12.41 -5.33
N TRP A 166 -2.98 -11.83 -6.18
CA TRP A 166 -3.22 -12.40 -7.49
C TRP A 166 -2.04 -12.37 -8.45
N THR A 167 -0.99 -11.62 -8.11
CA THR A 167 0.19 -11.57 -8.96
C THR A 167 1.00 -12.86 -8.86
N LEU A 168 0.53 -13.75 -7.99
CA LEU A 168 1.15 -15.06 -7.85
C LEU A 168 0.51 -15.99 -8.89
N GLY A 169 -0.55 -15.51 -9.53
CA GLY A 169 -1.31 -16.28 -10.50
C GLY A 169 -2.41 -17.09 -9.84
N ARG A 170 -3.55 -17.19 -10.52
CA ARG A 170 -4.72 -17.93 -10.04
C ARG A 170 -4.38 -19.27 -9.41
N GLU A 171 -3.68 -20.11 -10.15
CA GLU A 171 -3.32 -21.42 -9.63
C GLU A 171 -2.60 -21.37 -8.29
N ARG A 172 -1.55 -20.56 -8.19
CA ARG A 172 -0.79 -20.48 -6.95
C ARG A 172 -1.64 -19.94 -5.79
N VAL A 173 -2.55 -19.03 -6.08
CA VAL A 173 -3.39 -18.48 -5.03
C VAL A 173 -4.27 -19.60 -4.48
N GLU A 174 -4.88 -20.37 -5.38
CA GLU A 174 -5.73 -21.49 -4.94
C GLU A 174 -4.95 -22.44 -4.03
N GLU A 175 -3.70 -22.70 -4.37
CA GLU A 175 -2.85 -23.57 -3.57
C GLU A 175 -2.69 -23.00 -2.17
N LEU A 176 -2.28 -21.74 -2.11
CA LEU A 176 -2.03 -21.05 -0.85
C LEU A 176 -3.26 -20.95 0.05
N LEU A 177 -4.43 -20.83 -0.56
CA LEU A 177 -5.67 -20.78 0.20
C LEU A 177 -5.96 -22.14 0.87
N GLY A 178 -5.32 -23.19 0.37
CA GLY A 178 -5.50 -24.51 0.94
C GLY A 178 -4.72 -24.61 2.22
N LEU A 179 -3.67 -23.79 2.31
CA LEU A 179 -2.81 -23.73 3.46
C LEU A 179 -3.31 -22.69 4.49
N PHE A 180 -3.81 -21.57 4.00
CA PHE A 180 -4.31 -20.47 4.85
C PHE A 180 -5.41 -20.95 5.81
N ARG A 181 -5.12 -20.93 7.10
CA ARG A 181 -6.08 -21.38 8.12
C ARG A 181 -7.21 -20.42 8.43
N GLY A 182 -7.08 -19.16 8.03
CA GLY A 182 -8.13 -18.20 8.24
C GLY A 182 -9.17 -18.41 7.15
N GLU A 183 -10.22 -17.59 7.15
CA GLU A 183 -11.23 -17.70 6.12
C GLU A 183 -11.17 -16.51 5.15
N PHE A 184 -10.78 -16.78 3.92
CA PHE A 184 -10.70 -15.77 2.88
C PHE A 184 -12.11 -15.32 2.49
N LEU A 185 -12.31 -14.02 2.43
CA LEU A 185 -13.60 -13.44 2.06
C LEU A 185 -13.49 -12.51 0.85
N SER A 186 -14.54 -12.48 0.05
CA SER A 186 -14.68 -11.55 -1.07
C SER A 186 -16.04 -11.71 -1.73
N TYR A 187 -16.83 -10.64 -1.75
CA TYR A 187 -18.14 -10.66 -2.35
C TYR A 187 -18.07 -10.45 -3.85
N ASN A 188 -16.97 -9.85 -4.30
CA ASN A 188 -16.83 -9.43 -5.67
C ASN A 188 -16.04 -10.29 -6.65
N ILE A 189 -15.34 -11.30 -6.16
CA ILE A 189 -14.57 -12.18 -7.05
C ILE A 189 -15.50 -13.27 -7.57
N VAL A 190 -15.81 -13.21 -8.86
CA VAL A 190 -16.75 -14.14 -9.48
C VAL A 190 -16.16 -14.72 -10.76
N ASP A 191 -16.77 -15.78 -11.25
CA ASP A 191 -16.38 -16.39 -12.51
C ASP A 191 -16.85 -15.44 -13.61
N ASP A 192 -15.99 -15.20 -14.61
CA ASP A 192 -16.32 -14.25 -15.67
C ASP A 192 -17.33 -14.73 -16.72
N LEU A 193 -17.79 -15.97 -16.59
CA LEU A 193 -18.75 -16.52 -17.54
C LEU A 193 -20.12 -16.71 -16.88
N PHE A 194 -20.11 -17.35 -15.71
CA PHE A 194 -21.34 -17.65 -14.98
C PHE A 194 -21.69 -16.59 -13.93
N GLY A 195 -20.68 -15.92 -13.41
CA GLY A 195 -20.89 -14.88 -12.42
C GLY A 195 -21.08 -15.38 -11.00
N ASP A 196 -20.87 -16.68 -10.78
CA ASP A 196 -20.99 -17.22 -9.42
C ASP A 196 -19.80 -16.78 -8.59
N PRO A 197 -20.06 -16.38 -7.33
CA PRO A 197 -18.96 -15.96 -6.48
C PRO A 197 -18.10 -17.15 -6.11
N LEU A 198 -16.79 -16.96 -6.15
CA LEU A 198 -15.85 -18.03 -5.84
C LEU A 198 -15.59 -18.20 -4.36
N PHE A 199 -15.87 -17.16 -3.58
CA PHE A 199 -15.60 -17.19 -2.15
C PHE A 199 -16.77 -16.66 -1.34
N PRO A 200 -16.76 -16.88 -0.02
CA PRO A 200 -17.86 -16.38 0.79
C PRO A 200 -17.80 -14.85 0.82
N ALA A 201 -18.97 -14.21 0.73
CA ALA A 201 -19.03 -12.76 0.76
C ALA A 201 -18.78 -12.25 2.18
N TYR A 202 -19.19 -13.02 3.17
CA TYR A 202 -19.05 -12.58 4.55
C TYR A 202 -19.14 -13.73 5.54
N ARG A 203 -18.86 -13.41 6.80
CA ARG A 203 -18.94 -14.40 7.88
CA ARG A 203 -18.95 -14.40 7.88
CA ARG A 203 -18.94 -14.40 7.88
C ARG A 203 -19.51 -13.73 9.12
N ILE A 204 -20.49 -14.37 9.75
CA ILE A 204 -21.09 -13.81 10.95
C ILE A 204 -20.44 -14.45 12.17
N HIS A 205 -20.02 -13.61 13.11
CA HIS A 205 -19.36 -14.05 14.32
C HIS A 205 -20.22 -13.66 15.51
N ARG A 206 -20.35 -14.60 16.45
CA ARG A 206 -21.13 -14.34 17.65
C ARG A 206 -20.35 -13.44 18.59
N VAL A 207 -20.99 -12.37 19.04
CA VAL A 207 -20.41 -11.44 19.98
C VAL A 207 -21.42 -11.27 21.12
N GLY A 208 -21.33 -12.16 22.11
CA GLY A 208 -22.27 -12.16 23.21
C GLY A 208 -23.66 -12.37 22.65
N PRO A 209 -24.60 -11.49 22.98
CA PRO A 209 -25.98 -11.54 22.50
C PRO A 209 -26.12 -10.99 21.08
N TYR A 210 -25.04 -10.41 20.57
CA TYR A 210 -25.05 -9.82 19.24
C TYR A 210 -24.37 -10.68 18.18
N ALA A 211 -24.59 -10.31 16.93
CA ALA A 211 -23.97 -10.99 15.78
C ALA A 211 -23.29 -9.90 14.94
N LEU A 212 -22.02 -10.12 14.63
CA LEU A 212 -21.24 -9.15 13.84
C LEU A 212 -20.77 -9.78 12.55
N ALA A 213 -21.16 -9.18 11.43
CA ALA A 213 -20.76 -9.70 10.13
C ALA A 213 -19.51 -8.99 9.60
N VAL A 214 -18.58 -9.78 9.08
CA VAL A 214 -17.40 -9.23 8.43
C VAL A 214 -17.61 -9.56 6.95
N VAL A 215 -17.75 -8.52 6.15
CA VAL A 215 -17.92 -8.67 4.71
C VAL A 215 -16.57 -8.37 4.08
N GLY A 216 -16.23 -9.08 3.02
CA GLY A 216 -14.95 -8.86 2.36
C GLY A 216 -15.09 -8.24 0.98
N ALA A 217 -14.16 -7.38 0.62
CA ALA A 217 -14.15 -6.77 -0.70
C ALA A 217 -12.71 -6.71 -1.18
N SER A 218 -12.45 -7.33 -2.32
CA SER A 218 -11.12 -7.32 -2.91
C SER A 218 -10.99 -6.18 -3.90
N TYR A 219 -9.76 -5.80 -4.22
CA TYR A 219 -9.51 -4.69 -5.15
C TYR A 219 -10.25 -4.95 -6.48
N PRO A 220 -11.09 -4.01 -6.91
CA PRO A 220 -11.89 -4.26 -8.12
C PRO A 220 -11.18 -4.05 -9.45
N TYR A 221 -9.96 -3.50 -9.42
CA TYR A 221 -9.25 -3.22 -10.67
C TYR A 221 -8.05 -4.12 -10.94
N VAL A 222 -8.08 -5.32 -10.41
CA VAL A 222 -7.00 -6.28 -10.60
C VAL A 222 -6.69 -6.56 -12.07
N LYS A 223 -7.73 -6.64 -12.90
CA LYS A 223 -7.52 -6.97 -14.31
C LYS A 223 -6.69 -5.97 -15.10
N VAL A 224 -6.94 -4.69 -14.87
CA VAL A 224 -6.22 -3.64 -15.59
C VAL A 224 -4.92 -3.22 -14.94
N SER A 225 -4.70 -3.66 -13.70
CA SER A 225 -3.50 -3.25 -12.95
C SER A 225 -2.33 -4.23 -13.02
N HIS A 226 -2.59 -5.45 -13.50
CA HIS A 226 -1.56 -6.49 -13.54
C HIS A 226 -1.76 -7.36 -14.77
N PRO A 227 -0.76 -8.19 -15.12
CA PRO A 227 -0.92 -9.05 -16.30
C PRO A 227 -2.25 -9.80 -16.27
N GLU A 228 -3.00 -9.69 -17.35
CA GLU A 228 -4.31 -10.33 -17.46
C GLU A 228 -4.29 -11.84 -17.18
N SER A 229 -3.19 -12.49 -17.55
CA SER A 229 -3.07 -13.92 -17.38
C SER A 229 -3.14 -14.40 -15.94
N PHE A 230 -2.81 -13.51 -15.00
CA PHE A 230 -2.83 -13.87 -13.58
C PHE A 230 -4.25 -14.16 -13.08
N THR A 231 -5.24 -13.50 -13.67
CA THR A 231 -6.62 -13.63 -13.24
C THR A 231 -7.55 -14.14 -14.33
N GLU A 232 -7.01 -14.89 -15.28
CA GLU A 232 -7.83 -15.41 -16.37
C GLU A 232 -8.99 -16.20 -15.78
N GLY A 233 -10.22 -15.91 -16.22
CA GLY A 233 -11.40 -16.61 -15.75
C GLY A 233 -12.14 -15.91 -14.61
N LEU A 234 -11.51 -14.88 -14.06
CA LEU A 234 -12.09 -14.11 -12.95
C LEU A 234 -12.54 -12.69 -13.28
N SER A 235 -13.55 -12.22 -12.56
CA SER A 235 -13.99 -10.83 -12.65
C SER A 235 -13.90 -10.34 -11.21
N PHE A 236 -13.44 -9.11 -11.00
CA PHE A 236 -13.32 -8.54 -9.65
C PHE A 236 -14.15 -7.28 -9.56
N ALA A 237 -14.85 -6.98 -10.65
CA ALA A 237 -15.62 -5.75 -10.76
C ALA A 237 -16.38 -5.34 -9.50
N LEU A 238 -16.36 -4.05 -9.24
CA LEU A 238 -17.11 -3.48 -8.13
C LEU A 238 -18.59 -3.63 -8.52
N ASP A 239 -19.35 -4.32 -7.68
CA ASP A 239 -20.77 -4.53 -7.96
C ASP A 239 -21.58 -4.03 -6.77
N GLU A 240 -22.10 -2.81 -6.87
CA GLU A 240 -22.84 -2.22 -5.76
C GLU A 240 -24.11 -2.98 -5.42
N ARG A 241 -24.81 -3.45 -6.45
CA ARG A 241 -26.04 -4.21 -6.28
C ARG A 241 -25.75 -5.47 -5.46
N ARG A 242 -24.71 -6.19 -5.84
CA ARG A 242 -24.31 -7.42 -5.15
C ARG A 242 -23.71 -7.11 -3.76
N LEU A 243 -23.10 -5.94 -3.60
CA LEU A 243 -22.55 -5.55 -2.31
C LEU A 243 -23.71 -5.32 -1.35
N GLN A 244 -24.70 -4.56 -1.82
CA GLN A 244 -25.87 -4.22 -1.00
C GLN A 244 -26.63 -5.49 -0.66
N GLU A 245 -26.77 -6.38 -1.63
CA GLU A 245 -27.45 -7.64 -1.40
CA GLU A 245 -27.44 -7.65 -1.43
C GLU A 245 -26.75 -8.48 -0.34
N ALA A 246 -25.42 -8.47 -0.34
CA ALA A 246 -24.66 -9.21 0.66
C ALA A 246 -24.81 -8.63 2.06
N VAL A 247 -24.88 -7.30 2.14
CA VAL A 247 -25.08 -6.63 3.42
C VAL A 247 -26.52 -6.90 3.90
N ASP A 248 -27.47 -6.83 2.98
CA ASP A 248 -28.88 -7.09 3.32
C ASP A 248 -29.07 -8.52 3.79
N LYS A 249 -28.29 -9.44 3.22
CA LYS A 249 -28.40 -10.86 3.56
C LYS A 249 -27.79 -11.21 4.91
N ALA A 250 -26.66 -10.58 5.22
CA ALA A 250 -26.00 -10.82 6.50
C ALA A 250 -26.94 -10.40 7.62
N ARG A 251 -27.66 -9.30 7.40
CA ARG A 251 -28.59 -8.77 8.40
C ARG A 251 -29.80 -9.68 8.56
N ALA A 252 -30.38 -10.09 7.43
CA ALA A 252 -31.53 -10.99 7.44
C ALA A 252 -31.17 -12.29 8.14
N GLU A 253 -29.89 -12.67 8.07
CA GLU A 253 -29.41 -13.87 8.72
C GLU A 253 -29.11 -13.66 10.21
N GLY A 254 -29.39 -12.45 10.71
CA GLY A 254 -29.19 -12.14 12.12
C GLY A 254 -28.11 -11.15 12.53
N ALA A 255 -27.33 -10.64 11.58
CA ALA A 255 -26.27 -9.67 11.90
C ALA A 255 -26.81 -8.36 12.44
N ASN A 256 -26.29 -7.95 13.60
CA ASN A 256 -26.70 -6.67 14.18
C ASN A 256 -25.80 -5.55 13.65
N ALA A 257 -24.53 -5.87 13.45
CA ALA A 257 -23.55 -4.88 12.95
C ALA A 257 -22.79 -5.46 11.76
N VAL A 258 -22.45 -4.60 10.81
CA VAL A 258 -21.74 -5.04 9.61
C VAL A 258 -20.43 -4.28 9.44
N VAL A 259 -19.34 -5.01 9.29
CA VAL A 259 -18.02 -4.44 9.06
C VAL A 259 -17.53 -4.88 7.68
N LEU A 260 -17.06 -3.92 6.89
CA LEU A 260 -16.52 -4.23 5.56
C LEU A 260 -14.99 -4.24 5.62
N LEU A 261 -14.40 -5.41 5.41
CA LEU A 261 -12.95 -5.57 5.35
C LEU A 261 -12.64 -5.34 3.88
N SER A 262 -12.15 -4.15 3.56
CA SER A 262 -12.02 -3.71 2.18
C SER A 262 -10.62 -3.46 1.60
N HIS A 263 -10.50 -3.70 0.29
CA HIS A 263 -9.28 -3.38 -0.44
C HIS A 263 -9.68 -2.63 -1.68
N ASN A 264 -10.73 -1.80 -1.54
CA ASN A 264 -11.23 -0.98 -2.63
C ASN A 264 -10.36 0.26 -2.76
N GLY A 265 -9.85 0.72 -1.62
CA GLY A 265 -9.12 1.99 -1.53
C GLY A 265 -10.03 2.91 -0.70
N MET A 266 -9.45 3.68 0.21
CA MET A 266 -10.24 4.51 1.11
C MET A 266 -11.21 5.51 0.50
N GLN A 267 -10.82 6.16 -0.60
CA GLN A 267 -11.72 7.14 -1.23
C GLN A 267 -12.92 6.42 -1.85
N LEU A 268 -12.67 5.24 -2.41
CA LEU A 268 -13.74 4.44 -2.98
C LEU A 268 -14.64 3.95 -1.84
N ASP A 269 -14.04 3.52 -0.74
CA ASP A 269 -14.81 3.08 0.42
C ASP A 269 -15.70 4.23 0.87
N ALA A 270 -15.15 5.44 0.89
CA ALA A 270 -15.92 6.60 1.35
C ALA A 270 -17.13 6.85 0.44
N ALA A 271 -16.93 6.72 -0.86
CA ALA A 271 -18.02 6.89 -1.82
C ALA A 271 -19.11 5.85 -1.56
N LEU A 272 -18.70 4.60 -1.37
CA LEU A 272 -19.66 3.54 -1.07
C LEU A 272 -20.48 3.77 0.20
N ALA A 273 -19.86 4.38 1.21
CA ALA A 273 -20.52 4.62 2.49
C ALA A 273 -21.73 5.53 2.29
N GLU A 274 -21.71 6.29 1.21
CA GLU A 274 -22.80 7.21 0.91
C GLU A 274 -23.78 6.58 -0.07
N ARG A 275 -23.46 5.40 -0.57
CA ARG A 275 -24.32 4.74 -1.55
CA ARG A 275 -24.28 4.73 -1.57
C ARG A 275 -24.86 3.41 -1.07
N ILE A 276 -24.15 2.76 -0.16
CA ILE A 276 -24.56 1.47 0.39
C ILE A 276 -25.17 1.64 1.77
N ARG A 277 -26.33 1.02 2.01
CA ARG A 277 -26.93 1.13 3.34
C ARG A 277 -26.62 -0.10 4.18
N GLY A 278 -26.39 0.11 5.48
CA GLY A 278 -26.12 -1.00 6.37
C GLY A 278 -24.68 -1.27 6.76
N ILE A 279 -23.72 -0.53 6.21
CA ILE A 279 -22.32 -0.74 6.61
C ILE A 279 -21.97 0.19 7.78
N ASP A 280 -21.64 -0.41 8.92
CA ASP A 280 -21.35 0.34 10.13
C ASP A 280 -19.90 0.74 10.28
N LEU A 281 -19.01 -0.06 9.73
CA LEU A 281 -17.59 0.23 9.83
C LEU A 281 -16.89 -0.33 8.61
N ILE A 282 -15.93 0.42 8.09
CA ILE A 282 -15.14 -0.06 6.96
C ILE A 282 -13.68 -0.01 7.39
N LEU A 283 -12.98 -1.12 7.23
CA LEU A 283 -11.55 -1.19 7.51
C LEU A 283 -10.95 -1.06 6.12
N SER A 284 -10.46 0.15 5.82
CA SER A 284 -9.96 0.50 4.50
CA SER A 284 -9.96 0.50 4.50
C SER A 284 -8.49 0.20 4.20
N GLY A 285 -8.24 -0.77 3.34
CA GLY A 285 -6.89 -1.09 2.92
C GLY A 285 -6.59 -0.42 1.57
N HIS A 286 -5.54 -0.88 0.90
CA HIS A 286 -5.12 -0.42 -0.44
C HIS A 286 -4.45 0.93 -0.56
N THR A 287 -5.03 1.96 0.05
CA THR A 287 -4.45 3.30 -0.06
C THR A 287 -3.32 3.57 0.92
N HIS A 288 -3.02 2.59 1.79
CA HIS A 288 -1.91 2.71 2.74
C HIS A 288 -2.08 3.92 3.68
N ASP A 289 -3.32 4.25 4.00
CA ASP A 289 -3.63 5.40 4.85
C ASP A 289 -3.47 5.15 6.35
N LEU A 290 -3.48 6.22 7.12
CA LEU A 290 -3.49 6.16 8.58
C LEU A 290 -4.59 7.07 9.08
N THR A 291 -5.44 6.54 9.97
CA THR A 291 -6.54 7.31 10.55
C THR A 291 -6.52 7.16 12.08
N PRO A 292 -5.81 8.05 12.78
CA PRO A 292 -5.76 7.93 14.25
C PRO A 292 -7.13 8.04 14.89
N ARG A 293 -8.06 8.68 14.20
CA ARG A 293 -9.44 8.80 14.65
C ARG A 293 -10.27 8.33 13.47
N PRO A 294 -11.43 7.69 13.70
CA PRO A 294 -12.17 7.17 12.54
C PRO A 294 -12.81 8.29 11.73
N TRP A 295 -12.91 8.05 10.42
CA TRP A 295 -13.47 9.01 9.51
C TRP A 295 -14.96 8.73 9.39
N ARG A 296 -15.79 9.68 9.81
CA ARG A 296 -17.24 9.51 9.72
C ARG A 296 -17.75 9.94 8.34
N VAL A 297 -18.30 9.00 7.58
CA VAL A 297 -18.89 9.27 6.27
C VAL A 297 -20.27 8.65 6.23
N GLY A 298 -21.30 9.47 6.00
CA GLY A 298 -22.67 8.98 6.02
C GLY A 298 -22.95 8.44 7.41
N LYS A 299 -23.39 7.19 7.50
CA LYS A 299 -23.65 6.54 8.78
C LYS A 299 -22.58 5.47 9.00
N THR A 300 -21.38 5.69 8.47
CA THR A 300 -20.30 4.72 8.56
C THR A 300 -19.01 5.29 9.13
N TRP A 301 -18.31 4.49 9.92
CA TRP A 301 -16.99 4.87 10.42
C TRP A 301 -15.97 4.15 9.53
N ILE A 302 -14.89 4.84 9.21
CA ILE A 302 -13.83 4.29 8.35
C ILE A 302 -12.50 4.37 9.08
N VAL A 303 -11.79 3.24 9.11
CA VAL A 303 -10.47 3.14 9.74
C VAL A 303 -9.51 2.51 8.72
N ALA A 304 -8.39 3.17 8.45
CA ALA A 304 -7.42 2.70 7.46
C ALA A 304 -6.45 1.68 8.03
N GLY A 305 -5.90 0.83 7.16
CA GLY A 305 -5.01 -0.25 7.55
C GLY A 305 -3.51 0.02 7.54
N SER A 306 -3.11 1.23 7.16
CA SER A 306 -1.70 1.60 7.12
C SER A 306 -0.94 0.65 6.20
N ALA A 307 0.30 0.29 6.56
CA ALA A 307 1.08 -0.56 5.67
C ALA A 307 2.45 -1.00 6.18
N ALA A 308 2.98 -2.02 5.51
CA ALA A 308 4.34 -2.51 5.76
C ALA A 308 4.59 -2.97 7.18
N GLY A 309 3.51 -3.29 7.90
CA GLY A 309 3.57 -3.76 9.27
C GLY A 309 3.84 -2.66 10.29
N LYS A 310 3.73 -1.40 9.88
CA LYS A 310 4.05 -0.31 10.79
C LYS A 310 3.08 -0.09 11.96
N ALA A 311 1.82 -0.47 11.78
CA ALA A 311 0.81 -0.26 12.83
C ALA A 311 -0.22 -1.38 12.90
N LEU A 312 -0.77 -1.56 14.11
CA LEU A 312 -1.88 -2.47 14.34
C LEU A 312 -3.04 -1.58 14.81
N MET A 313 -4.14 -1.56 14.08
CA MET A 313 -5.27 -0.73 14.47
C MET A 313 -6.18 -1.55 15.37
N ARG A 314 -6.36 -1.11 16.61
CA ARG A 314 -7.24 -1.78 17.53
C ARG A 314 -8.55 -1.02 17.55
N VAL A 315 -9.62 -1.67 17.10
CA VAL A 315 -10.92 -1.06 17.04
C VAL A 315 -11.88 -1.74 18.01
N ASP A 316 -12.14 -1.10 19.14
CA ASP A 316 -13.06 -1.68 20.14
C ASP A 316 -14.47 -1.23 19.84
N LEU A 317 -15.39 -2.18 19.80
CA LEU A 317 -16.77 -1.89 19.46
C LEU A 317 -17.78 -2.16 20.57
N LYS A 318 -18.67 -1.20 20.74
CA LYS A 318 -19.83 -1.32 21.61
C LYS A 318 -20.98 -1.55 20.62
N LEU A 319 -21.56 -2.74 20.62
CA LEU A 319 -22.63 -3.03 19.67
C LEU A 319 -24.03 -2.82 20.25
N TRP A 320 -24.98 -2.69 19.34
CA TRP A 320 -26.39 -2.59 19.70
C TRP A 320 -27.19 -3.31 18.61
N LYS A 321 -28.41 -3.71 18.93
CA LYS A 321 -29.22 -4.47 17.99
C LYS A 321 -29.25 -3.94 16.56
N GLY A 322 -29.06 -2.63 16.38
CA GLY A 322 -29.12 -2.03 15.07
C GLY A 322 -27.82 -1.60 14.44
N GLY A 323 -26.68 -1.93 15.07
CA GLY A 323 -25.40 -1.54 14.51
C GLY A 323 -24.31 -1.34 15.54
N ILE A 324 -23.45 -0.36 15.29
CA ILE A 324 -22.36 -0.03 16.19
C ILE A 324 -22.78 1.19 17.02
N ALA A 325 -22.91 0.99 18.33
CA ALA A 325 -23.29 2.09 19.24
C ALA A 325 -22.19 3.14 19.31
N ASN A 326 -20.99 2.69 19.67
CA ASN A 326 -19.83 3.56 19.78
C ASN A 326 -18.60 2.70 19.51
N LEU A 327 -17.46 3.37 19.34
CA LEU A 327 -16.22 2.64 19.07
C LEU A 327 -15.00 3.40 19.60
N ARG A 328 -13.94 2.66 19.89
CA ARG A 328 -12.67 3.24 20.29
C ARG A 328 -11.61 2.76 19.28
N VAL A 329 -10.90 3.71 18.69
CA VAL A 329 -9.88 3.39 17.69
C VAL A 329 -8.51 3.83 18.19
N ARG A 330 -7.54 2.92 18.18
CA ARG A 330 -6.18 3.27 18.59
C ARG A 330 -5.20 2.73 17.55
N VAL A 331 -4.34 3.61 17.05
CA VAL A 331 -3.29 3.20 16.14
C VAL A 331 -2.12 2.76 17.03
N LEU A 332 -1.83 1.46 17.06
CA LEU A 332 -0.75 0.95 17.90
C LEU A 332 0.56 0.81 17.11
N PRO A 333 1.56 1.64 17.45
CA PRO A 333 2.81 1.53 16.67
C PRO A 333 3.50 0.19 16.87
N VAL A 334 3.93 -0.44 15.78
CA VAL A 334 4.70 -1.70 15.86
C VAL A 334 6.16 -1.31 15.91
N LEU A 335 6.65 -1.04 17.12
CA LEU A 335 8.04 -0.62 17.30
C LEU A 335 8.86 -1.79 17.80
N ALA A 336 9.64 -2.38 16.89
CA ALA A 336 10.44 -3.55 17.22
C ALA A 336 11.32 -3.39 18.45
N GLU A 337 11.85 -2.19 18.69
CA GLU A 337 12.70 -1.98 19.86
C GLU A 337 11.90 -1.92 21.15
N HIS A 338 10.59 -1.74 21.05
CA HIS A 338 9.74 -1.56 22.22
C HIS A 338 8.70 -2.64 22.46
N LEU A 339 8.89 -3.77 21.79
CA LEU A 339 8.00 -4.90 21.94
C LEU A 339 8.76 -6.17 22.29
N PRO A 340 8.09 -7.12 22.96
CA PRO A 340 8.76 -8.38 23.27
C PRO A 340 8.86 -9.21 22.00
N LYS A 341 9.74 -10.21 22.01
CA LYS A 341 9.93 -11.06 20.83
C LYS A 341 8.87 -12.16 20.74
N ALA A 342 8.52 -12.51 19.51
CA ALA A 342 7.62 -13.61 19.23
C ALA A 342 8.56 -14.74 18.80
N GLU A 343 9.05 -15.50 19.77
CA GLU A 343 10.03 -16.56 19.54
C GLU A 343 9.77 -17.52 18.38
N ASP A 344 8.57 -18.06 18.29
CA ASP A 344 8.24 -18.98 17.21
C ASP A 344 8.38 -18.30 15.85
N VAL A 345 7.97 -17.04 15.79
CA VAL A 345 8.10 -16.29 14.54
C VAL A 345 9.56 -16.06 14.18
N GLU A 346 10.36 -15.63 15.16
CA GLU A 346 11.79 -15.40 14.92
C GLU A 346 12.41 -16.71 14.43
N ALA A 347 11.99 -17.82 15.03
CA ALA A 347 12.52 -19.13 14.67
C ALA A 347 12.15 -19.53 13.25
N PHE A 348 10.88 -19.32 12.90
CA PHE A 348 10.38 -19.63 11.57
C PHE A 348 11.14 -18.85 10.50
N LEU A 349 11.38 -17.55 10.77
CA LEU A 349 12.09 -16.69 9.83
C LEU A 349 13.53 -17.14 9.63
N LYS A 350 14.19 -17.51 10.73
CA LYS A 350 15.56 -18.00 10.66
C LYS A 350 15.62 -19.27 9.83
N ALA A 351 14.70 -20.19 10.09
CA ALA A 351 14.64 -21.45 9.35
C ALA A 351 14.40 -21.20 7.86
N GLN A 352 13.46 -20.32 7.55
CA GLN A 352 13.11 -20.00 6.17
C GLN A 352 14.19 -19.33 5.35
N LEU A 353 14.86 -18.33 5.94
CA LEU A 353 15.84 -17.55 5.19
C LEU A 353 17.30 -17.80 5.54
N ALA A 354 17.55 -18.78 6.41
CA ALA A 354 18.92 -19.14 6.77
C ALA A 354 19.75 -19.42 5.52
N PRO A 355 19.24 -20.28 4.62
CA PRO A 355 19.99 -20.60 3.40
C PRO A 355 20.24 -19.39 2.48
N HIS A 356 19.47 -18.32 2.67
CA HIS A 356 19.59 -17.16 1.81
C HIS A 356 19.99 -15.86 2.48
N GLN A 357 20.38 -15.91 3.75
CA GLN A 357 20.71 -14.68 4.46
C GLN A 357 21.87 -13.92 3.82
N ASP A 358 22.75 -14.69 3.19
CA ASP A 358 23.90 -14.16 2.48
C ASP A 358 23.41 -13.19 1.39
N HIS A 359 22.60 -13.74 0.49
CA HIS A 359 22.05 -12.99 -0.61
C HIS A 359 21.22 -11.79 -0.14
N LEU A 360 20.34 -12.05 0.82
CA LEU A 360 19.42 -11.04 1.32
C LEU A 360 19.98 -9.87 2.09
N PHE A 361 20.96 -10.12 2.95
CA PHE A 361 21.44 -9.09 3.86
C PHE A 361 22.81 -8.46 3.70
N THR A 362 23.64 -8.97 2.80
CA THR A 362 24.97 -8.37 2.57
C THR A 362 24.79 -6.98 1.95
N PRO A 363 25.59 -5.99 2.40
CA PRO A 363 25.38 -4.68 1.78
C PRO A 363 25.76 -4.65 0.31
N LEU A 364 24.94 -3.97 -0.50
CA LEU A 364 25.24 -3.79 -1.91
C LEU A 364 25.91 -2.42 -2.07
N ALA A 365 25.40 -1.46 -1.32
CA ALA A 365 25.95 -0.10 -1.34
C ALA A 365 25.44 0.61 -0.10
N VAL A 366 26.05 1.75 0.21
CA VAL A 366 25.61 2.59 1.32
C VAL A 366 24.96 3.85 0.75
N SER A 367 23.78 4.19 1.27
CA SER A 367 23.11 5.41 0.85
C SER A 367 23.50 6.52 1.83
N GLU A 368 23.99 7.64 1.29
CA GLU A 368 24.38 8.74 2.15
C GLU A 368 23.21 9.57 2.68
N THR A 369 22.09 9.53 1.97
CA THR A 369 20.92 10.31 2.34
C THR A 369 19.62 9.48 2.31
N LEU A 370 18.53 10.08 2.74
CA LEU A 370 17.24 9.39 2.83
C LEU A 370 16.67 8.95 1.47
N LEU A 371 16.38 7.66 1.34
CA LEU A 371 15.78 7.12 0.12
C LEU A 371 14.33 6.75 0.47
N TYR A 372 13.37 7.53 -0.02
CA TYR A 372 11.95 7.30 0.26
C TYR A 372 11.23 7.05 -1.05
N LYS A 373 10.11 6.35 -0.97
CA LYS A 373 9.39 5.95 -2.18
C LYS A 373 8.05 6.65 -2.39
N ARG A 374 7.30 6.82 -1.31
CA ARG A 374 5.95 7.37 -1.40
C ARG A 374 5.85 8.88 -1.62
N ASP A 375 4.97 9.27 -2.55
CA ASP A 375 4.73 10.68 -2.87
C ASP A 375 3.84 10.69 -4.09
N THR A 376 3.07 11.75 -4.27
CA THR A 376 2.21 11.82 -5.46
C THR A 376 3.07 11.82 -6.73
N LEU A 377 4.15 12.60 -6.71
CA LEU A 377 4.92 12.87 -7.93
C LEU A 377 6.37 12.46 -8.05
N TYR A 378 7.09 12.47 -6.93
CA TYR A 378 8.55 12.30 -7.02
C TYR A 378 9.11 11.69 -5.76
N SER A 379 10.17 10.89 -5.90
CA SER A 379 10.83 10.29 -4.74
CA SER A 379 10.83 10.26 -4.76
C SER A 379 12.32 10.12 -5.01
N THR A 380 13.08 10.09 -3.92
CA THR A 380 14.52 9.92 -4.09
C THR A 380 14.85 8.49 -4.48
N TRP A 381 14.06 7.54 -3.99
CA TRP A 381 14.30 6.15 -4.37
C TRP A 381 14.06 6.00 -5.88
N ASP A 382 12.95 6.51 -6.38
CA ASP A 382 12.64 6.37 -7.81
C ASP A 382 13.66 7.08 -8.70
N GLN A 383 14.26 8.15 -8.19
CA GLN A 383 15.29 8.82 -8.97
C GLN A 383 16.52 7.92 -9.01
N LEU A 384 16.86 7.31 -7.88
CA LEU A 384 18.00 6.41 -7.82
CA LEU A 384 18.00 6.40 -7.81
C LEU A 384 17.85 5.35 -8.91
N VAL A 385 16.67 4.76 -9.00
CA VAL A 385 16.40 3.75 -10.02
C VAL A 385 16.61 4.32 -11.43
N GLY A 386 16.11 5.54 -11.67
CA GLY A 386 16.28 6.18 -12.97
C GLY A 386 17.77 6.38 -13.29
N GLU A 387 18.54 6.76 -12.26
CA GLU A 387 19.98 6.99 -12.42
C GLU A 387 20.70 5.66 -12.69
N ALA A 388 20.25 4.58 -12.06
CA ALA A 388 20.85 3.26 -12.29
C ALA A 388 20.62 2.80 -13.73
N VAL A 389 19.39 2.96 -14.20
CA VAL A 389 19.02 2.59 -15.56
C VAL A 389 19.82 3.38 -16.59
N LYS A 390 19.87 4.71 -16.43
CA LYS A 390 20.62 5.54 -17.37
C LYS A 390 22.10 5.19 -17.35
N ALA A 391 22.59 4.78 -16.18
CA ALA A 391 24.00 4.46 -16.03
C ALA A 391 24.36 3.20 -16.82
N ILE A 392 23.52 2.19 -16.71
CA ILE A 392 23.76 0.90 -17.38
C ILE A 392 23.31 0.94 -18.84
N TYR A 393 22.34 1.81 -19.14
CA TYR A 393 21.80 1.97 -20.49
C TYR A 393 21.76 3.44 -20.84
N PRO A 394 22.92 4.04 -21.16
CA PRO A 394 23.07 5.47 -21.46
C PRO A 394 22.26 6.01 -22.65
N GLU A 395 21.74 5.15 -23.52
CA GLU A 395 20.93 5.63 -24.63
C GLU A 395 19.52 6.02 -24.16
N VAL A 396 19.13 5.52 -22.99
CA VAL A 396 17.79 5.79 -22.46
C VAL A 396 17.62 7.27 -22.10
N GLU A 397 16.56 7.86 -22.61
CA GLU A 397 16.31 9.27 -22.37
C GLU A 397 15.33 9.53 -21.23
N VAL A 398 14.33 8.67 -21.08
CA VAL A 398 13.32 8.84 -20.03
C VAL A 398 13.05 7.49 -19.38
N VAL A 399 13.04 7.45 -18.05
CA VAL A 399 12.79 6.22 -17.29
C VAL A 399 11.47 6.39 -16.51
N PHE A 400 10.47 5.58 -16.85
CA PHE A 400 9.18 5.60 -16.17
C PHE A 400 9.19 4.57 -15.04
N SER A 401 9.14 5.04 -13.79
CA SER A 401 9.11 4.18 -12.61
C SER A 401 7.67 4.05 -12.08
N PRO A 402 7.28 2.85 -11.63
CA PRO A 402 5.91 2.65 -11.15
C PRO A 402 5.64 3.28 -9.79
N ALA A 403 4.59 4.09 -9.72
CA ALA A 403 4.23 4.76 -8.48
C ALA A 403 3.42 3.89 -7.54
N VAL A 404 3.91 2.68 -7.29
CA VAL A 404 3.27 1.79 -6.32
C VAL A 404 3.41 2.41 -4.92
N ARG A 405 2.52 2.01 -4.01
CA ARG A 405 2.49 2.49 -2.63
C ARG A 405 3.37 1.66 -1.69
N TRP A 406 3.76 0.47 -2.15
CA TRP A 406 4.61 -0.37 -1.35
C TRP A 406 6.10 -0.03 -1.53
N GLY A 407 6.90 -0.43 -0.55
CA GLY A 407 8.33 -0.13 -0.59
C GLY A 407 8.87 -0.02 0.83
N THR A 408 9.96 0.71 0.98
CA THR A 408 10.62 0.85 2.28
C THR A 408 11.39 2.16 2.27
N THR A 409 12.02 2.50 3.39
CA THR A 409 12.77 3.75 3.50
C THR A 409 14.20 3.49 4.00
N ILE A 410 15.18 3.98 3.26
CA ILE A 410 16.57 3.81 3.65
C ILE A 410 17.08 5.08 4.34
N LEU A 411 17.62 4.94 5.54
CA LEU A 411 18.14 6.09 6.30
C LEU A 411 19.54 6.50 5.82
N PRO A 412 19.97 7.74 6.13
CA PRO A 412 21.32 8.10 5.72
C PRO A 412 22.34 7.19 6.41
N GLY A 413 23.37 6.79 5.67
CA GLY A 413 24.42 5.93 6.21
C GLY A 413 24.01 4.46 6.21
N GLN A 414 22.75 4.17 5.88
CA GLN A 414 22.25 2.80 5.86
C GLN A 414 22.62 2.06 4.57
N ALA A 415 22.98 0.79 4.71
CA ALA A 415 23.35 -0.03 3.57
C ALA A 415 22.12 -0.60 2.88
N ILE A 416 22.12 -0.56 1.55
CA ILE A 416 21.03 -1.11 0.73
C ILE A 416 21.33 -2.60 0.52
N THR A 417 20.34 -3.44 0.78
CA THR A 417 20.49 -4.89 0.62
C THR A 417 19.54 -5.44 -0.43
N TRP A 418 19.71 -6.72 -0.76
CA TRP A 418 18.81 -7.37 -1.72
C TRP A 418 17.40 -7.37 -1.12
N ASP A 419 17.31 -7.53 0.19
CA ASP A 419 15.99 -7.53 0.82
C ASP A 419 15.27 -6.21 0.53
N HIS A 420 16.02 -5.11 0.57
CA HIS A 420 15.44 -3.82 0.22
C HIS A 420 15.04 -3.78 -1.25
N LEU A 421 15.91 -4.28 -2.14
CA LEU A 421 15.58 -4.27 -3.57
C LEU A 421 14.26 -4.99 -3.83
N TYR A 422 14.04 -6.12 -3.14
CA TYR A 422 12.82 -6.88 -3.29
C TYR A 422 11.64 -6.11 -2.67
N ALA A 423 11.88 -5.39 -1.58
CA ALA A 423 10.83 -4.59 -0.96
C ALA A 423 10.42 -3.45 -1.90
N TYR A 424 11.35 -2.98 -2.71
CA TYR A 424 11.12 -1.86 -3.63
C TYR A 424 10.66 -2.30 -5.03
N THR A 425 11.26 -3.39 -5.52
CA THR A 425 11.00 -3.82 -6.89
C THR A 425 10.56 -5.28 -7.03
N GLY A 426 10.14 -5.89 -5.93
CA GLY A 426 9.72 -7.27 -5.90
C GLY A 426 8.39 -7.61 -6.57
N PHE A 427 8.27 -7.24 -7.84
CA PHE A 427 7.10 -7.60 -8.64
C PHE A 427 7.33 -9.06 -9.10
N THR A 428 6.26 -9.80 -9.39
CA THR A 428 6.41 -11.14 -9.94
C THR A 428 6.73 -10.99 -11.43
N TYR A 429 6.50 -9.78 -11.95
CA TYR A 429 6.81 -9.43 -13.33
C TYR A 429 7.72 -8.19 -13.27
N PRO A 430 8.98 -8.38 -12.89
CA PRO A 430 9.93 -7.28 -12.66
C PRO A 430 10.70 -6.78 -13.87
N GLU A 431 10.42 -7.34 -15.03
CA GLU A 431 11.16 -7.01 -16.25
C GLU A 431 11.24 -5.53 -16.59
N LEU A 432 12.44 -5.09 -16.94
CA LEU A 432 12.66 -3.72 -17.39
C LEU A 432 12.59 -3.78 -18.90
N TYR A 433 11.75 -2.92 -19.47
CA TYR A 433 11.58 -2.85 -20.91
C TYR A 433 12.19 -1.59 -21.48
N LEU A 434 12.83 -1.71 -22.63
CA LEU A 434 13.42 -0.57 -23.33
C LEU A 434 12.66 -0.45 -24.65
N PHE A 435 12.10 0.74 -24.94
CA PHE A 435 11.29 0.90 -26.14
C PHE A 435 11.19 2.37 -26.49
N TYR A 436 10.88 2.65 -27.76
CA TYR A 436 10.74 4.02 -28.19
C TYR A 436 9.32 4.50 -28.02
N LEU A 437 9.17 5.78 -27.68
CA LEU A 437 7.86 6.41 -27.61
C LEU A 437 8.01 7.74 -28.37
N ARG A 438 6.98 8.13 -29.11
CA ARG A 438 7.01 9.44 -29.75
C ARG A 438 6.76 10.47 -28.65
N GLY A 439 7.26 11.69 -28.83
CA GLY A 439 7.06 12.75 -27.87
C GLY A 439 5.60 12.89 -27.48
N ALA A 440 4.71 12.77 -28.45
CA ALA A 440 3.26 12.88 -28.17
C ALA A 440 2.75 11.84 -27.18
N GLN A 441 3.33 10.64 -27.23
CA GLN A 441 2.93 9.57 -26.32
C GLN A 441 3.36 9.87 -24.89
N ILE A 442 4.55 10.43 -24.74
CA ILE A 442 5.06 10.77 -23.41
C ILE A 442 4.10 11.73 -22.74
N LYS A 443 3.77 12.80 -23.44
CA LYS A 443 2.85 13.77 -22.88
C LYS A 443 1.48 13.15 -22.56
N ALA A 444 0.97 12.32 -23.48
CA ALA A 444 -0.35 11.71 -23.28
C ALA A 444 -0.39 10.76 -22.11
N VAL A 445 0.71 10.03 -21.90
CA VAL A 445 0.82 9.09 -20.79
C VAL A 445 0.67 9.86 -19.49
N LEU A 446 1.38 10.99 -19.39
CA LEU A 446 1.31 11.81 -18.18
C LEU A 446 -0.07 12.42 -17.98
N GLU A 447 -0.64 12.95 -19.06
CA GLU A 447 -1.95 13.56 -19.01
C GLU A 447 -3.00 12.52 -18.60
N ASP A 448 -2.84 11.31 -19.12
CA ASP A 448 -3.76 10.20 -18.85
C ASP A 448 -3.71 9.81 -17.38
N ILE A 449 -2.51 9.67 -16.82
CA ILE A 449 -2.40 9.33 -15.41
C ILE A 449 -3.04 10.46 -14.60
N ALA A 450 -2.70 11.70 -14.95
CA ALA A 450 -3.19 12.86 -14.22
C ALA A 450 -4.71 12.93 -14.18
N SER A 451 -5.36 12.55 -15.27
CA SER A 451 -6.81 12.58 -15.34
C SER A 451 -7.42 11.52 -14.41
N ASN A 452 -6.68 10.44 -14.20
CA ASN A 452 -7.15 9.38 -13.30
C ASN A 452 -6.98 9.81 -11.85
N VAL A 453 -5.75 10.16 -11.51
CA VAL A 453 -5.34 10.54 -10.17
C VAL A 453 -5.91 11.84 -9.60
N PHE A 454 -6.25 12.79 -10.47
CA PHE A 454 -6.73 14.09 -9.99
C PHE A 454 -8.15 14.50 -10.38
N THR A 455 -8.99 13.58 -10.83
CA THR A 455 -10.33 14.01 -11.21
C THR A 455 -11.08 14.76 -10.10
N SER A 456 -11.46 16.00 -10.38
CA SER A 456 -12.19 16.82 -9.43
C SER A 456 -13.46 16.11 -8.92
N ASP A 457 -14.31 15.71 -9.87
CA ASP A 457 -15.58 15.04 -9.56
C ASP A 457 -15.52 14.07 -8.38
N PRO A 458 -16.14 14.45 -7.25
CA PRO A 458 -16.21 13.68 -5.99
C PRO A 458 -16.92 12.35 -6.19
N PHE A 459 -17.82 12.30 -7.17
CA PHE A 459 -18.52 11.05 -7.44
C PHE A 459 -17.54 10.03 -7.96
N TYR A 460 -16.44 10.49 -8.56
CA TYR A 460 -15.46 9.57 -9.11
C TYR A 460 -14.12 9.40 -8.37
N GLN A 461 -14.13 9.59 -7.05
CA GLN A 461 -12.95 9.36 -6.18
C GLN A 461 -11.62 9.77 -6.85
N GLN A 462 -10.47 9.10 -6.68
CA GLN A 462 -10.16 7.93 -5.86
C GLN A 462 -8.69 8.11 -5.44
N GLY A 463 -8.00 9.01 -6.13
CA GLY A 463 -6.58 9.32 -5.89
C GLY A 463 -5.61 8.28 -6.44
N GLY A 464 -4.34 8.26 -6.01
N GLY A 464 -4.42 8.36 -5.87
CA GLY A 464 -3.39 7.23 -6.46
CA GLY A 464 -3.30 7.53 -6.21
C GLY A 464 -2.23 7.47 -7.45
C GLY A 464 -2.21 8.42 -6.74
N ASP A 465 -1.07 7.79 -6.89
CA ASP A 465 0.15 8.35 -7.46
C ASP A 465 0.57 8.31 -8.94
N VAL A 466 1.40 9.30 -9.29
CA VAL A 466 1.86 9.49 -10.67
C VAL A 466 3.22 8.85 -10.97
N SER A 467 3.29 8.13 -12.08
CA SER A 467 4.54 7.50 -12.52
CA SER A 467 4.54 7.50 -12.49
C SER A 467 5.66 8.54 -12.48
N ARG A 468 6.83 8.16 -12.00
CA ARG A 468 7.96 9.08 -11.92
C ARG A 468 8.77 8.92 -13.19
N VAL A 469 9.04 10.02 -13.89
CA VAL A 469 9.73 9.96 -15.17
C VAL A 469 11.09 10.65 -15.13
N PHE A 470 12.14 9.86 -14.92
CA PHE A 470 13.48 10.40 -14.83
C PHE A 470 13.98 10.75 -16.23
N GLY A 471 14.46 11.99 -16.41
CA GLY A 471 14.93 12.42 -17.72
C GLY A 471 14.07 13.51 -18.33
N LEU A 472 13.00 13.86 -17.63
CA LEU A 472 12.12 14.94 -18.08
C LEU A 472 11.65 15.78 -16.92
N ARG A 473 11.08 16.93 -17.25
CA ARG A 473 10.55 17.87 -16.27
C ARG A 473 9.24 18.40 -16.86
N TYR A 474 8.28 18.74 -16.01
CA TYR A 474 7.01 19.26 -16.52
C TYR A 474 6.29 20.10 -15.47
N VAL A 475 5.23 20.78 -15.92
CA VAL A 475 4.41 21.61 -15.07
C VAL A 475 3.06 20.90 -14.94
N LEU A 476 2.58 20.76 -13.71
CA LEU A 476 1.32 20.07 -13.49
C LEU A 476 0.32 20.98 -12.80
N ASP A 477 -0.90 21.03 -13.33
CA ASP A 477 -1.97 21.77 -12.68
C ASP A 477 -3.06 20.78 -12.40
N PRO A 478 -3.13 20.28 -11.16
CA PRO A 478 -4.13 19.26 -10.85
C PRO A 478 -5.57 19.69 -11.05
N ASP A 479 -5.83 21.00 -11.05
CA ASP A 479 -7.18 21.51 -11.20
C ASP A 479 -7.57 21.86 -12.64
N ALA A 480 -6.62 21.79 -13.57
CA ALA A 480 -6.93 22.13 -14.96
C ALA A 480 -7.83 21.04 -15.55
N PRO A 481 -8.48 21.34 -16.68
CA PRO A 481 -9.36 20.36 -17.32
C PRO A 481 -8.54 19.19 -17.86
N THR A 482 -9.19 18.04 -18.04
CA THR A 482 -8.48 16.91 -18.64
C THR A 482 -8.03 17.37 -20.02
N GLY A 483 -6.76 17.13 -20.33
CA GLY A 483 -6.16 17.55 -21.57
C GLY A 483 -5.29 18.78 -21.38
N GLU A 484 -5.40 19.40 -20.21
CA GLU A 484 -4.65 20.63 -19.93
C GLU A 484 -3.87 20.59 -18.60
N ARG A 485 -3.74 19.42 -17.99
CA ARG A 485 -3.04 19.31 -16.70
C ARG A 485 -1.51 19.26 -16.79
N VAL A 486 -1.00 18.76 -17.90
CA VAL A 486 0.44 18.61 -18.09
C VAL A 486 0.91 19.57 -19.16
N ARG A 487 1.88 20.42 -18.84
CA ARG A 487 2.38 21.35 -19.83
C ARG A 487 3.87 21.62 -19.67
N GLU A 488 4.43 22.30 -20.66
CA GLU A 488 5.84 22.64 -20.65
C GLU A 488 6.70 21.41 -20.38
N VAL A 489 6.43 20.33 -21.09
CA VAL A 489 7.24 19.12 -20.91
C VAL A 489 8.59 19.35 -21.57
N GLU A 490 9.66 19.04 -20.85
CA GLU A 490 11.01 19.21 -21.38
C GLU A 490 11.79 17.93 -21.12
N VAL A 491 12.48 17.44 -22.15
CA VAL A 491 13.30 16.25 -22.02
C VAL A 491 14.77 16.64 -22.17
N GLY A 492 15.53 16.52 -21.10
CA GLY A 492 16.94 16.88 -21.10
C GLY A 492 17.18 18.34 -21.38
N GLY A 493 16.31 19.21 -20.86
CA GLY A 493 16.45 20.65 -21.04
C GLY A 493 15.89 21.20 -22.33
N ARG A 494 15.52 20.31 -23.24
CA ARG A 494 14.96 20.75 -24.51
C ARG A 494 13.46 20.51 -24.52
N PRO A 495 12.71 21.44 -25.13
CA PRO A 495 11.25 21.27 -25.19
C PRO A 495 10.92 19.93 -25.83
N LEU A 496 9.84 19.31 -25.36
CA LEU A 496 9.40 18.05 -25.90
C LEU A 496 9.03 18.23 -27.39
N ASP A 497 9.52 17.32 -28.22
CA ASP A 497 9.18 17.31 -29.65
C ASP A 497 8.18 16.18 -29.87
N PRO A 498 6.89 16.54 -30.07
CA PRO A 498 5.83 15.54 -30.25
C PRO A 498 6.08 14.46 -31.31
N ASN A 499 6.88 14.76 -32.32
CA ASN A 499 7.10 13.80 -33.39
C ASN A 499 8.40 13.03 -33.29
N ARG A 500 9.19 13.38 -32.29
CA ARG A 500 10.47 12.73 -32.04
C ARG A 500 10.30 11.41 -31.32
N ARG A 501 11.08 10.40 -31.71
CA ARG A 501 11.04 9.12 -31.02
C ARG A 501 12.10 9.22 -29.92
N TYR A 502 11.69 8.95 -28.68
CA TYR A 502 12.61 9.00 -27.55
C TYR A 502 12.73 7.59 -27.03
N LEU A 503 13.93 7.21 -26.59
CA LEU A 503 14.10 5.88 -26.03
C LEU A 503 13.68 5.90 -24.56
N ALA A 504 12.72 5.06 -24.23
CA ALA A 504 12.21 5.02 -22.87
C ALA A 504 12.53 3.70 -22.21
N ALA A 505 12.44 3.67 -20.89
CA ALA A 505 12.60 2.43 -20.13
C ALA A 505 11.43 2.42 -19.14
N ALA A 506 10.88 1.25 -18.83
CA ALA A 506 9.76 1.18 -17.89
C ALA A 506 9.71 -0.20 -17.28
N TYR A 507 9.21 -0.29 -16.06
CA TYR A 507 9.05 -1.58 -15.39
C TYR A 507 7.84 -1.51 -14.45
N GLY A 508 7.26 -2.66 -14.15
CA GLY A 508 6.14 -2.75 -13.23
C GLY A 508 4.80 -2.27 -13.78
N GLY A 509 4.68 -2.15 -15.10
CA GLY A 509 3.45 -1.69 -15.73
C GLY A 509 3.17 -2.23 -17.13
N ARG A 510 2.52 -1.40 -17.95
CA ARG A 510 2.14 -1.81 -19.30
C ARG A 510 2.55 -0.80 -20.36
N LEU A 511 3.32 0.21 -19.97
CA LEU A 511 3.70 1.24 -20.93
C LEU A 511 4.34 0.68 -22.18
N GLN A 512 5.14 -0.38 -22.02
CA GLN A 512 5.83 -0.99 -23.16
C GLN A 512 4.87 -1.45 -24.26
N ARG A 513 3.61 -1.70 -23.89
CA ARG A 513 2.65 -2.14 -24.89
C ARG A 513 2.39 -1.14 -26.02
N VAL A 514 2.56 0.15 -25.75
CA VAL A 514 2.37 1.16 -26.81
C VAL A 514 3.68 1.66 -27.43
N GLY A 515 4.78 1.03 -27.07
CA GLY A 515 6.07 1.43 -27.60
C GLY A 515 6.64 0.47 -28.63
N GLU A 516 7.77 0.86 -29.23
CA GLU A 516 8.46 0.02 -30.21
C GLU A 516 9.71 -0.48 -29.50
N ALA A 517 9.75 -1.79 -29.23
CA ALA A 517 10.85 -2.40 -28.48
C ALA A 517 12.23 -2.12 -29.09
N LYS A 518 13.19 -1.77 -28.23
CA LYS A 518 14.55 -1.49 -28.69
C LYS A 518 15.14 -2.77 -29.28
N PRO A 519 15.67 -2.70 -30.50
CA PRO A 519 16.21 -3.95 -31.05
C PRO A 519 17.43 -4.40 -30.27
N GLY A 520 17.61 -5.71 -30.18
CA GLY A 520 18.76 -6.28 -29.51
C GLY A 520 18.66 -6.34 -28.00
N TYR A 521 17.66 -5.68 -27.42
CA TYR A 521 17.52 -5.68 -25.98
C TYR A 521 16.62 -6.80 -25.44
N GLU A 522 17.11 -7.52 -24.42
CA GLU A 522 16.36 -8.61 -23.80
C GLU A 522 15.85 -8.13 -22.43
N PRO A 523 14.51 -8.09 -22.24
CA PRO A 523 14.07 -7.62 -20.92
C PRO A 523 14.59 -8.49 -19.78
N ARG A 524 15.03 -7.84 -18.71
CA ARG A 524 15.52 -8.56 -17.53
C ARG A 524 15.02 -7.86 -16.26
N PRO A 525 15.05 -8.56 -15.12
CA PRO A 525 14.52 -8.03 -13.85
C PRO A 525 15.16 -6.72 -13.44
N ILE A 526 14.31 -5.75 -13.12
CA ILE A 526 14.80 -4.44 -12.72
C ILE A 526 15.82 -4.55 -11.58
N TYR A 527 15.60 -5.45 -10.62
CA TYR A 527 16.50 -5.60 -9.49
C TYR A 527 17.91 -6.08 -9.83
N GLU A 528 18.05 -6.77 -10.96
CA GLU A 528 19.36 -7.23 -11.41
C GLU A 528 20.12 -6.00 -11.89
N VAL A 529 19.41 -5.10 -12.58
CA VAL A 529 20.02 -3.86 -13.06
C VAL A 529 20.46 -3.03 -11.86
N LEU A 530 19.58 -2.95 -10.85
CA LEU A 530 19.89 -2.18 -9.65
C LEU A 530 21.08 -2.75 -8.88
N ALA A 531 21.11 -4.07 -8.70
CA ALA A 531 22.23 -4.67 -7.98
C ALA A 531 23.54 -4.43 -8.72
N GLU A 532 23.52 -4.55 -10.04
CA GLU A 532 24.74 -4.33 -10.83
C GLU A 532 25.28 -2.93 -10.57
N TYR A 533 24.38 -1.95 -10.68
CA TYR A 533 24.74 -0.56 -10.51
C TYR A 533 25.26 -0.28 -9.11
N LEU A 534 24.51 -0.72 -8.10
CA LEU A 534 24.89 -0.47 -6.70
C LEU A 534 26.23 -1.11 -6.34
N ARG A 535 26.43 -2.37 -6.73
CA ARG A 535 27.70 -3.04 -6.44
C ARG A 535 28.87 -2.27 -7.06
N SER A 536 28.68 -1.73 -8.25
CA SER A 536 29.72 -0.95 -8.92
C SER A 536 30.05 0.38 -8.24
N VAL A 537 29.01 1.19 -7.99
CA VAL A 537 29.22 2.51 -7.41
C VAL A 537 29.59 2.51 -5.93
N GLY A 538 29.13 1.50 -5.18
CA GLY A 538 29.44 1.37 -3.77
C GLY A 538 28.75 2.31 -2.80
N ARG A 539 28.55 3.56 -3.20
CA ARG A 539 27.86 4.54 -2.37
C ARG A 539 27.00 5.41 -3.28
N VAL A 540 25.82 5.79 -2.80
CA VAL A 540 24.93 6.65 -3.57
C VAL A 540 24.55 7.85 -2.71
N ARG A 541 24.22 8.95 -3.36
CA ARG A 541 23.80 10.15 -2.69
C ARG A 541 22.82 10.87 -3.62
N VAL A 542 21.54 10.57 -3.45
CA VAL A 542 20.49 11.14 -4.28
C VAL A 542 19.69 12.17 -3.50
N ARG A 543 20.05 13.44 -3.64
CA ARG A 543 19.31 14.48 -2.95
C ARG A 543 18.01 14.82 -3.67
N PRO A 544 17.00 15.29 -2.92
CA PRO A 544 15.74 15.53 -3.61
C PRO A 544 15.80 16.70 -4.57
N GLU A 545 15.51 16.42 -5.84
CA GLU A 545 15.45 17.44 -6.87
C GLU A 545 14.20 17.20 -7.69
N PRO A 546 13.04 17.57 -7.13
CA PRO A 546 11.78 17.31 -7.83
C PRO A 546 11.76 17.89 -9.23
N ASN A 547 11.20 17.13 -10.16
CA ASN A 547 11.16 17.51 -11.57
C ASN A 547 9.80 18.01 -12.02
N VAL A 548 8.92 18.32 -11.09
CA VAL A 548 7.59 18.80 -11.46
CA VAL A 548 7.58 18.79 -11.45
C VAL A 548 7.25 20.11 -10.77
N LYS A 549 6.75 21.07 -11.53
CA LYS A 549 6.34 22.35 -10.98
C LYS A 549 4.83 22.18 -10.77
N VAL A 550 4.38 22.27 -9.53
CA VAL A 550 2.97 22.07 -9.21
C VAL A 550 2.19 23.38 -9.07
N ILE A 551 1.25 23.61 -9.98
CA ILE A 551 0.45 24.83 -9.96
C ILE A 551 -0.59 24.76 -8.85
N GLY A 552 -0.68 25.84 -8.08
CA GLY A 552 -1.67 25.95 -7.03
C GLY A 552 -1.43 25.21 -5.73
N ARG A 553 -0.23 24.64 -5.55
CA ARG A 553 0.08 23.89 -4.33
C ARG A 553 1.51 24.14 -3.94
N ASN A 554 1.80 23.99 -2.65
CA ASN A 554 3.19 24.07 -2.18
C ASN A 554 3.72 22.63 -2.26
N TYR A 555 4.81 22.41 -2.98
CA TYR A 555 5.35 21.06 -3.08
C TYR A 555 6.39 20.88 -1.96
N ARG A 556 6.19 19.89 -1.10
CA ARG A 556 7.08 19.68 0.03
CA ARG A 556 7.09 19.68 0.05
C ARG A 556 8.11 18.56 -0.10
N LEU A 557 9.21 18.71 0.62
CA LEU A 557 10.28 17.73 0.66
C LEU A 557 10.65 17.42 2.12
N PRO A 558 11.07 16.18 2.39
CA PRO A 558 11.46 15.86 3.75
C PRO A 558 12.91 16.27 3.98
N GLU A 559 13.36 16.16 5.23
CA GLU A 559 14.77 16.42 5.56
C GLU A 559 15.47 15.10 5.27
N VAL A 560 16.45 15.12 4.37
CA VAL A 560 17.12 13.90 3.93
C VAL A 560 18.44 13.54 4.57
N THR A 561 18.89 14.36 5.53
CA THR A 561 20.13 14.08 6.25
C THR A 561 19.82 13.84 7.71
N GLY A 562 20.81 13.43 8.49
CA GLY A 562 20.62 13.18 9.91
C GLY A 562 20.83 11.72 10.24
#